data_5F84
#
_entry.id   5F84
#
_cell.length_a   271.016
_cell.length_b   271.016
_cell.length_c   47.427
_cell.angle_alpha   90.00
_cell.angle_beta   90.00
_cell.angle_gamma   120.00
#
_symmetry.space_group_name_H-M   'H 3 2'
#
loop_
_entity.id
_entity.type
_entity.pdbx_description
1 polymer 'O-glucosyltransferase rumi'
2 polymer 'Coagulation factor IX'
3 non-polymer "URIDINE-5'-DIPHOSPHATE"
4 non-polymer 'SULFATE ION'
5 non-polymer beta-D-glucopyranose
6 water water
#
loop_
_entity_poly.entity_id
_entity_poly.type
_entity_poly.pdbx_seq_one_letter_code
_entity_poly.pdbx_strand_id
1 'polypeptide(L)'
;AAQPAEALEDDGLCSADQKSCAQSEPDQINEDEFSFKIRRQIEKANADYKPCSSDPQDSDCSCHANVLKRDLAPYKSTGV
TRQMIESSARYGTKYKIYGHRLYRDANCMFPARCEGIEHFLLPLVATLPDMDLIINTRDYPQLNAAWGNAAGGPVFSFSK
TKEYRDIMYPAWTFWAGGPATKLHPRGIGRWDQMREKLEKRAAAIPWSQKRSLGFFRGSRTSDERDSLILLSRRNPELVE
AQYTKNQGWKSPKDTLDAPAADEVSFEDHCKYKYLFNFRGVAASFRLKHLFLCKSLVFHVGDEWQEFFYDQLKPWVHYVP
LKSYPSQQEYEHILSFFKKNDALAQEIAQRGYDFIWEHLRMKDIKCYWRKLLKRYVKLLQYEVKPEDQLIYIGPKARALV
PR
;
A
2 'polypeptide(L)' MDIVDGDQCESNPCLNGGSCKDDINSYECWCPFGFEGKNCELLEHHHHHH B
#
# COMPACT_ATOMS: atom_id res chain seq x y z
N ASN A 30 -22.72 21.89 -20.22
CA ASN A 30 -22.56 21.04 -19.00
C ASN A 30 -21.57 19.90 -19.30
N GLU A 31 -21.98 18.98 -20.16
CA GLU A 31 -21.14 17.85 -20.58
C GLU A 31 -19.90 18.29 -21.37
N ASP A 32 -20.05 19.36 -22.16
CA ASP A 32 -18.96 19.90 -22.96
C ASP A 32 -17.85 20.60 -22.16
N GLU A 33 -18.22 21.30 -21.08
CA GLU A 33 -17.23 22.02 -20.26
C GLU A 33 -16.40 21.02 -19.46
N PHE A 34 -17.09 20.00 -18.99
CA PHE A 34 -16.49 18.88 -18.29
C PHE A 34 -15.46 18.19 -19.18
N SER A 35 -15.88 17.89 -20.42
CA SER A 35 -14.99 17.25 -21.36
C SER A 35 -13.75 18.09 -21.66
N PHE A 36 -13.93 19.40 -21.91
CA PHE A 36 -12.78 20.26 -22.16
C PHE A 36 -11.82 20.25 -20.99
N LYS A 37 -12.35 20.31 -19.78
CA LYS A 37 -11.52 20.38 -18.59
C LYS A 37 -10.66 19.13 -18.48
N ILE A 38 -11.27 17.98 -18.71
CA ILE A 38 -10.59 16.70 -18.53
C ILE A 38 -9.56 16.47 -19.61
N ARG A 39 -9.93 16.76 -20.86
CA ARG A 39 -9.02 16.57 -21.98
C ARG A 39 -7.84 17.52 -21.87
N ARG A 40 -8.09 18.73 -21.36
CA ARG A 40 -7.03 19.70 -21.15
C ARG A 40 -6.00 19.15 -20.13
N GLN A 41 -6.51 18.57 -19.05
CA GLN A 41 -5.63 17.99 -18.03
C GLN A 41 -4.83 16.79 -18.56
N ILE A 42 -5.46 15.95 -19.37
CA ILE A 42 -4.77 14.82 -19.97
C ILE A 42 -3.59 15.25 -20.86
N GLU A 43 -3.86 16.23 -21.73
CA GLU A 43 -2.88 16.70 -22.70
C GLU A 43 -1.68 17.32 -21.99
N LYS A 44 -1.96 18.09 -20.94
CA LYS A 44 -0.94 18.80 -20.16
C LYS A 44 -0.08 17.82 -19.35
N ALA A 45 -0.75 16.85 -18.70
CA ALA A 45 -0.05 15.82 -17.93
C ALA A 45 0.82 14.96 -18.83
N ASN A 46 0.32 14.64 -20.02
CA ASN A 46 1.07 13.82 -20.99
C ASN A 46 2.15 14.58 -21.77
N ALA A 47 2.00 15.88 -21.92
CA ALA A 47 3.06 16.69 -22.53
C ALA A 47 4.19 16.86 -21.52
N ASP A 48 3.84 16.98 -20.24
CA ASP A 48 4.83 17.22 -19.18
C ASP A 48 5.45 15.95 -18.60
N TYR A 49 5.06 14.78 -19.10
CA TYR A 49 5.53 13.52 -18.53
C TYR A 49 6.94 13.14 -18.98
N LYS A 50 7.76 12.69 -18.04
CA LYS A 50 9.09 12.13 -18.32
C LYS A 50 9.26 10.79 -17.58
N PRO A 51 9.74 9.74 -18.29
CA PRO A 51 9.92 8.43 -17.64
C PRO A 51 10.74 8.51 -16.35
N CYS A 52 10.49 7.56 -15.44
CA CYS A 52 11.18 7.57 -14.16
C CYS A 52 12.63 7.11 -14.30
N SER A 53 12.95 6.48 -15.44
CA SER A 53 14.34 6.12 -15.76
C SER A 53 14.59 6.22 -17.26
N SER A 54 15.74 6.82 -17.60
CA SER A 54 16.17 6.99 -18.99
C SER A 54 16.15 5.68 -19.77
N ASP A 55 16.54 4.59 -19.12
CA ASP A 55 16.42 3.24 -19.70
C ASP A 55 15.34 2.43 -18.96
N PRO A 56 14.45 1.76 -19.72
CA PRO A 56 13.33 1.01 -19.11
C PRO A 56 13.69 -0.11 -18.12
N GLN A 57 14.87 -0.71 -18.24
CA GLN A 57 15.30 -1.78 -17.32
C GLN A 57 15.78 -1.25 -15.95
N ASP A 58 16.07 0.05 -15.90
CA ASP A 58 16.44 0.77 -14.67
C ASP A 58 17.52 0.09 -13.82
N SER A 59 18.71 -0.08 -14.40
CA SER A 59 19.78 -0.85 -13.74
C SER A 59 20.32 -0.22 -12.46
N ASP A 60 20.34 1.11 -12.38
CA ASP A 60 20.82 1.80 -11.16
C ASP A 60 19.69 2.19 -10.19
N CYS A 61 18.52 1.54 -10.35
CA CYS A 61 17.43 1.60 -9.37
C CYS A 61 17.07 3.04 -8.99
N SER A 62 16.81 3.86 -10.01
CA SER A 62 16.59 5.29 -9.80
C SER A 62 15.13 5.72 -9.95
N CYS A 63 14.28 4.81 -10.42
CA CYS A 63 12.86 5.11 -10.67
C CYS A 63 12.18 5.80 -9.49
N HIS A 64 12.30 5.20 -8.31
CA HIS A 64 11.62 5.74 -7.13
C HIS A 64 12.55 6.51 -6.22
N ALA A 65 13.74 6.85 -6.74
CA ALA A 65 14.80 7.49 -5.94
C ALA A 65 14.41 8.83 -5.31
N ASN A 66 13.56 9.61 -5.99
CA ASN A 66 13.14 10.91 -5.45
C ASN A 66 12.53 10.79 -4.07
N VAL A 67 11.70 9.77 -3.87
CA VAL A 67 10.95 9.60 -2.62
C VAL A 67 11.86 9.25 -1.46
N LEU A 68 12.83 8.37 -1.70
CA LEU A 68 13.76 8.02 -0.65
C LEU A 68 14.67 9.21 -0.26
N LYS A 69 15.08 10.01 -1.25
CA LYS A 69 15.84 11.25 -1.00
C LYS A 69 15.05 12.26 -0.16
N ARG A 70 13.79 12.49 -0.53
CA ARG A 70 12.95 13.40 0.24
C ARG A 70 12.68 12.88 1.66
N ASP A 71 12.43 11.56 1.79
CA ASP A 71 12.18 11.00 3.12
C ASP A 71 13.41 11.16 4.03
N LEU A 72 14.61 10.93 3.49
CA LEU A 72 15.86 11.02 4.27
C LEU A 72 16.42 12.45 4.42
N ALA A 73 15.99 13.38 3.56
CA ALA A 73 16.57 14.74 3.49
C ALA A 73 16.62 15.49 4.83
N PRO A 74 15.53 15.47 5.62
CA PRO A 74 15.51 16.17 6.91
C PRO A 74 16.61 15.78 7.90
N TYR A 75 17.29 14.66 7.65
CA TYR A 75 18.36 14.18 8.53
C TYR A 75 19.75 14.47 7.96
N LYS A 76 19.81 15.08 6.78
CA LYS A 76 21.09 15.21 6.07
C LYS A 76 22.12 16.08 6.82
N SER A 77 21.68 17.19 7.39
CA SER A 77 22.61 18.15 8.00
C SER A 77 23.01 17.73 9.42
N THR A 78 22.04 17.42 10.28
CA THR A 78 22.32 16.98 11.66
C THR A 78 22.71 15.50 11.76
N GLY A 79 22.13 14.66 10.91
CA GLY A 79 22.35 13.21 11.00
C GLY A 79 21.54 12.59 12.13
N VAL A 80 21.78 11.30 12.38
CA VAL A 80 21.01 10.54 13.37
C VAL A 80 21.87 10.09 14.56
N THR A 81 21.54 10.58 15.75
CA THR A 81 22.31 10.27 16.95
C THR A 81 21.69 9.09 17.68
N ARG A 82 22.52 8.37 18.44
CA ARG A 82 22.05 7.28 19.30
C ARG A 82 20.80 7.67 20.06
N GLN A 83 20.79 8.87 20.62
CA GLN A 83 19.65 9.36 21.38
C GLN A 83 18.37 9.39 20.55
N MET A 84 18.48 9.91 19.33
CA MET A 84 17.33 9.97 18.42
C MET A 84 16.70 8.58 18.24
N ILE A 85 17.56 7.57 18.07
CA ILE A 85 17.11 6.20 17.95
C ILE A 85 16.45 5.67 19.23
N GLU A 86 17.10 5.89 20.37
CA GLU A 86 16.54 5.42 21.66
C GLU A 86 15.17 6.06 21.91
N SER A 87 15.07 7.33 21.55
CA SER A 87 13.82 8.08 21.63
C SER A 87 12.74 7.58 20.63
N SER A 88 13.17 7.20 19.44
CA SER A 88 12.27 6.66 18.43
C SER A 88 11.87 5.20 18.67
N ALA A 89 12.60 4.47 19.51
CA ALA A 89 12.34 3.03 19.71
C ALA A 89 10.89 2.72 20.06
N ARG A 90 10.25 3.61 20.81
CA ARG A 90 8.89 3.37 21.28
C ARG A 90 7.89 3.31 20.14
N TYR A 91 8.27 3.85 18.97
CA TYR A 91 7.36 4.00 17.84
C TYR A 91 7.31 2.82 16.87
N GLY A 92 8.11 1.79 17.11
CA GLY A 92 8.08 0.62 16.24
C GLY A 92 8.88 -0.54 16.74
N THR A 93 9.08 -1.53 15.88
CA THR A 93 9.92 -2.66 16.20
C THR A 93 11.37 -2.32 15.91
N LYS A 94 12.24 -2.60 16.88
CA LYS A 94 13.66 -2.35 16.75
C LYS A 94 14.25 -3.49 15.92
N TYR A 95 14.91 -3.13 14.83
CA TYR A 95 15.75 -4.06 14.09
C TYR A 95 17.16 -3.54 14.16
N LYS A 96 18.11 -4.47 14.16
CA LYS A 96 19.51 -4.14 14.24
C LYS A 96 20.29 -5.06 13.33
N ILE A 97 21.08 -4.48 12.44
CA ILE A 97 22.09 -5.20 11.70
C ILE A 97 23.41 -4.98 12.45
N TYR A 98 23.96 -6.05 12.99
CA TYR A 98 25.27 -6.01 13.64
C TYR A 98 26.09 -7.17 13.14
N GLY A 99 27.24 -6.88 12.56
CA GLY A 99 28.14 -7.92 12.08
C GLY A 99 27.46 -8.87 11.12
N HIS A 100 26.72 -8.29 10.16
CA HIS A 100 26.02 -9.06 9.12
C HIS A 100 25.06 -10.08 9.66
N ARG A 101 24.46 -9.77 10.79
CA ARG A 101 23.45 -10.62 11.40
C ARG A 101 22.29 -9.72 11.82
N LEU A 102 21.07 -10.22 11.65
CA LEU A 102 19.86 -9.44 11.94
C LEU A 102 19.36 -9.75 13.34
N TYR A 103 19.19 -8.70 14.15
CA TYR A 103 18.56 -8.82 15.47
C TYR A 103 17.31 -7.96 15.51
N ARG A 104 16.44 -8.26 16.46
CA ARG A 104 15.12 -7.63 16.54
C ARG A 104 14.58 -7.72 17.95
N ASP A 105 13.74 -6.77 18.37
CA ASP A 105 12.95 -6.95 19.59
C ASP A 105 12.29 -8.33 19.55
N ALA A 106 12.15 -8.95 20.72
CA ALA A 106 11.49 -10.27 20.83
C ALA A 106 10.04 -10.18 20.39
N ASN A 107 9.37 -9.15 20.88
CA ASN A 107 7.96 -8.89 20.60
C ASN A 107 7.75 -8.07 19.33
N CYS A 108 7.22 -8.74 18.31
CA CYS A 108 6.76 -8.06 17.12
C CYS A 108 5.23 -7.94 17.26
N MET A 109 4.70 -6.74 17.07
CA MET A 109 3.26 -6.53 17.19
C MET A 109 2.45 -7.32 16.15
N PHE A 110 2.95 -7.36 14.92
CA PHE A 110 2.34 -8.13 13.84
C PHE A 110 3.35 -9.08 13.21
N PRO A 111 3.47 -10.30 13.76
CA PRO A 111 4.48 -11.26 13.33
C PRO A 111 4.49 -11.55 11.84
N ALA A 112 3.31 -11.60 11.22
CA ALA A 112 3.25 -11.86 9.79
C ALA A 112 3.88 -10.72 8.99
N ARG A 113 3.74 -9.50 9.51
CA ARG A 113 4.32 -8.33 8.85
C ARG A 113 5.84 -8.30 9.05
N CYS A 114 6.30 -8.69 10.23
CA CYS A 114 7.73 -8.85 10.48
C CYS A 114 8.33 -9.89 9.54
N GLU A 115 7.64 -11.00 9.34
CA GLU A 115 8.14 -12.02 8.42
C GLU A 115 8.29 -11.46 7.00
N GLY A 116 7.29 -10.72 6.55
CA GLY A 116 7.35 -10.09 5.23
C GLY A 116 8.49 -9.12 5.07
N ILE A 117 8.74 -8.34 6.11
CA ILE A 117 9.88 -7.40 6.11
C ILE A 117 11.20 -8.16 6.10
N GLU A 118 11.25 -9.23 6.89
CA GLU A 118 12.47 -10.02 7.05
C GLU A 118 12.84 -10.76 5.75
N HIS A 119 11.85 -11.07 4.93
CA HIS A 119 12.15 -11.67 3.64
C HIS A 119 13.08 -10.83 2.79
N PHE A 120 12.99 -9.51 2.92
CA PHE A 120 13.78 -8.58 2.12
C PHE A 120 15.09 -8.15 2.79
N LEU A 121 15.08 -8.03 4.12
CA LEU A 121 16.28 -7.68 4.86
C LEU A 121 17.30 -8.82 4.93
N LEU A 122 16.83 -10.05 5.12
CA LEU A 122 17.76 -11.17 5.37
C LEU A 122 18.83 -11.38 4.29
N PRO A 123 18.47 -11.28 3.00
CA PRO A 123 19.48 -11.40 1.93
C PRO A 123 20.39 -10.18 1.75
N LEU A 124 20.04 -9.05 2.36
CA LEU A 124 20.86 -7.83 2.23
C LEU A 124 21.86 -7.69 3.38
N VAL A 125 21.64 -8.43 4.45
CA VAL A 125 22.39 -8.24 5.68
C VAL A 125 23.88 -8.60 5.51
N ALA A 126 24.16 -9.60 4.68
CA ALA A 126 25.54 -10.03 4.40
C ALA A 126 26.42 -8.90 3.85
N THR A 127 25.81 -7.95 3.14
CA THR A 127 26.56 -6.90 2.44
C THR A 127 26.13 -5.50 2.85
N LEU A 128 25.81 -5.33 4.14
CA LEU A 128 25.33 -4.07 4.68
C LEU A 128 26.06 -3.71 5.97
N PRO A 129 26.38 -2.43 6.15
CA PRO A 129 27.00 -1.99 7.39
C PRO A 129 26.03 -1.99 8.54
N ASP A 130 26.58 -2.09 9.75
CA ASP A 130 25.79 -2.01 10.96
C ASP A 130 24.84 -0.80 10.95
N MET A 131 23.64 -0.98 11.48
CA MET A 131 22.65 0.08 11.60
C MET A 131 21.52 -0.32 12.54
N ASP A 132 20.86 0.67 13.12
CA ASP A 132 19.62 0.47 13.90
C ASP A 132 18.43 0.99 13.12
N LEU A 133 17.39 0.17 13.03
CA LEU A 133 16.19 0.55 12.29
C LEU A 133 14.97 0.41 13.19
N ILE A 134 14.24 1.50 13.39
CA ILE A 134 12.94 1.43 14.05
C ILE A 134 11.86 1.31 12.98
N ILE A 135 11.37 0.10 12.78
CA ILE A 135 10.43 -0.16 11.71
C ILE A 135 9.04 -0.30 12.30
N ASN A 136 8.18 0.68 12.00
CA ASN A 136 6.76 0.65 12.38
C ASN A 136 5.97 -0.31 11.46
N THR A 137 5.36 -1.32 12.07
CA THR A 137 4.59 -2.31 11.34
C THR A 137 3.08 -2.10 11.50
N ARG A 138 2.69 -1.01 12.16
CA ARG A 138 1.29 -0.60 12.27
C ARG A 138 0.84 -0.01 10.94
N ASP A 139 -0.47 0.08 10.74
CA ASP A 139 -1.04 0.65 9.53
C ASP A 139 -0.74 2.14 9.40
N TYR A 140 -0.87 2.86 10.51
CA TYR A 140 -0.82 4.31 10.49
C TYR A 140 0.59 4.75 10.82
N PRO A 141 1.05 5.87 10.24
CA PRO A 141 2.38 6.34 10.59
C PRO A 141 2.41 6.96 12.00
N GLN A 142 3.61 7.29 12.47
CA GLN A 142 3.84 7.62 13.88
C GLN A 142 4.40 9.02 14.15
N LEU A 143 5.23 9.55 13.24
CA LEU A 143 5.91 10.84 13.45
C LEU A 143 5.17 12.03 12.85
N ASN A 144 4.18 12.53 13.58
CA ASN A 144 3.45 13.72 13.16
C ASN A 144 4.34 14.96 13.24
N ALA A 145 4.45 15.68 12.12
CA ALA A 145 5.33 16.85 12.02
C ALA A 145 4.62 18.13 12.41
N ALA A 146 3.31 18.03 12.65
CA ALA A 146 2.54 19.09 13.31
C ALA A 146 2.69 18.98 14.85
N TRP A 147 3.02 17.79 15.36
CA TRP A 147 3.42 17.66 16.78
C TRP A 147 4.80 18.25 16.95
N GLY A 148 5.80 17.58 16.37
CA GLY A 148 7.24 17.90 16.54
C GLY A 148 7.55 18.99 17.56
N ASN A 149 7.74 18.66 18.85
CA ASN A 149 7.82 17.30 19.45
C ASN A 149 9.18 16.64 19.20
N ALA A 150 9.56 15.79 20.15
CA ALA A 150 10.52 14.71 19.91
C ALA A 150 9.80 13.58 19.14
N ALA A 151 9.08 13.98 18.09
CA ALA A 151 8.65 13.09 17.02
C ALA A 151 9.61 13.42 15.87
N GLY A 152 10.90 13.38 16.17
CA GLY A 152 11.94 13.71 15.22
C GLY A 152 12.35 12.52 14.39
N GLY A 153 12.22 11.33 14.96
CA GLY A 153 12.54 10.10 14.25
C GLY A 153 14.01 9.77 14.35
N PRO A 154 14.52 8.92 13.42
CA PRO A 154 13.84 8.35 12.26
C PRO A 154 13.00 7.12 12.59
N VAL A 155 11.86 6.99 11.91
CA VAL A 155 11.03 5.79 11.99
C VAL A 155 10.53 5.45 10.60
N PHE A 156 10.58 4.16 10.27
CA PHE A 156 10.11 3.64 9.00
C PHE A 156 8.65 3.18 9.11
N SER A 157 7.84 3.63 8.17
CA SER A 157 6.44 3.21 8.08
C SER A 157 6.13 2.94 6.61
N PHE A 158 5.13 2.10 6.35
CA PHE A 158 4.81 1.77 4.96
C PHE A 158 4.06 2.91 4.24
N SER A 159 3.25 3.68 4.98
CA SER A 159 2.42 4.72 4.39
C SER A 159 2.44 6.03 5.15
N LYS A 160 2.39 7.14 4.41
CA LYS A 160 2.32 8.44 5.03
C LYS A 160 1.75 9.50 4.09
N THR A 161 1.44 10.67 4.66
CA THR A 161 1.13 11.88 3.92
C THR A 161 2.21 12.89 4.28
N LYS A 162 2.11 14.11 3.75
CA LYS A 162 3.07 15.18 4.06
C LYS A 162 3.10 15.60 5.55
N GLU A 163 2.08 15.22 6.31
CA GLU A 163 1.98 15.52 7.74
C GLU A 163 2.97 14.74 8.64
N TYR A 164 3.65 13.75 8.07
CA TYR A 164 4.44 12.80 8.85
C TYR A 164 5.89 12.73 8.40
N ARG A 165 6.81 12.53 9.35
CA ARG A 165 8.25 12.44 9.06
C ARG A 165 8.67 11.01 8.73
N ASP A 166 7.76 10.06 8.88
CA ASP A 166 8.15 8.66 8.69
C ASP A 166 8.80 8.45 7.30
N ILE A 167 9.79 7.58 7.27
CA ILE A 167 10.45 7.21 6.03
C ILE A 167 9.67 5.99 5.52
N MET A 168 9.28 6.03 4.25
CA MET A 168 8.50 4.94 3.66
C MET A 168 9.41 3.78 3.29
N TYR A 169 8.88 2.57 3.39
CA TYR A 169 9.57 1.38 2.94
C TYR A 169 8.55 0.48 2.23
N PRO A 170 9.03 -0.39 1.31
CA PRO A 170 8.09 -1.28 0.63
C PRO A 170 7.40 -2.18 1.65
N ALA A 171 6.10 -2.31 1.56
CA ALA A 171 5.31 -2.95 2.61
C ALA A 171 5.60 -4.42 2.70
N TRP A 172 5.44 -4.97 3.89
CA TRP A 172 5.57 -6.40 4.13
C TRP A 172 4.82 -7.25 3.13
N THR A 173 3.65 -6.77 2.70
CA THR A 173 2.74 -7.57 1.88
C THR A 173 3.32 -7.94 0.50
N PHE A 174 4.41 -7.29 0.09
CA PHE A 174 5.04 -7.68 -1.16
C PHE A 174 5.49 -9.14 -1.11
N TRP A 175 5.67 -9.66 0.11
CA TRP A 175 5.94 -11.06 0.35
C TRP A 175 4.87 -11.75 1.19
N ALA A 176 4.55 -11.16 2.34
CA ALA A 176 3.64 -11.83 3.28
C ALA A 176 2.96 -10.86 4.22
N GLY A 177 1.85 -11.29 4.81
CA GLY A 177 1.28 -10.60 5.98
C GLY A 177 0.37 -9.41 5.72
N GLY A 178 -0.13 -9.29 4.49
CA GLY A 178 -1.17 -8.34 4.18
C GLY A 178 -2.46 -8.77 4.87
N PRO A 179 -3.52 -8.02 4.67
CA PRO A 179 -4.79 -8.41 5.27
C PRO A 179 -5.22 -9.84 4.91
N ALA A 180 -5.86 -10.50 5.87
CA ALA A 180 -6.31 -11.88 5.72
C ALA A 180 -7.79 -11.91 5.32
N THR A 181 -8.10 -12.70 4.31
CA THR A 181 -9.46 -12.77 3.79
C THR A 181 -9.81 -14.23 3.57
N LYS A 182 -11.04 -14.51 3.16
CA LYS A 182 -11.45 -15.88 2.86
C LYS A 182 -10.61 -16.44 1.74
N LEU A 183 -10.42 -15.67 0.67
CA LEU A 183 -9.59 -16.11 -0.47
C LEU A 183 -8.10 -16.13 -0.15
N HIS A 184 -7.66 -15.38 0.86
CA HIS A 184 -6.24 -15.35 1.24
C HIS A 184 -6.05 -15.44 2.72
N PRO A 185 -6.40 -16.59 3.32
CA PRO A 185 -6.41 -16.72 4.77
C PRO A 185 -5.07 -16.50 5.45
N ARG A 186 -3.97 -16.76 4.74
CA ARG A 186 -2.62 -16.50 5.28
C ARG A 186 -2.13 -15.04 5.13
N GLY A 187 -3.01 -14.15 4.68
CA GLY A 187 -2.62 -12.77 4.40
C GLY A 187 -2.27 -12.60 2.93
N ILE A 188 -2.71 -11.49 2.34
CA ILE A 188 -2.35 -11.17 0.96
C ILE A 188 -0.84 -10.94 0.93
N GLY A 189 -0.19 -11.63 0.00
CA GLY A 189 1.27 -11.53 -0.15
C GLY A 189 1.73 -11.97 -1.52
N ARG A 190 2.96 -12.49 -1.59
CA ARG A 190 3.52 -13.05 -2.81
C ARG A 190 3.19 -12.26 -4.07
N TRP A 191 3.60 -11.01 -4.05
CA TRP A 191 3.45 -10.13 -5.20
C TRP A 191 4.05 -10.72 -6.46
N ASP A 192 5.11 -11.50 -6.32
CA ASP A 192 5.72 -12.18 -7.46
C ASP A 192 4.75 -13.13 -8.16
N GLN A 193 4.03 -13.94 -7.39
CA GLN A 193 2.99 -14.84 -7.95
C GLN A 193 1.75 -14.07 -8.39
N MET A 194 1.39 -13.03 -7.65
CA MET A 194 0.23 -12.23 -8.03
C MET A 194 0.44 -11.58 -9.40
N ARG A 195 1.64 -11.08 -9.66
CA ARG A 195 2.01 -10.48 -10.94
C ARG A 195 1.77 -11.40 -12.15
N GLU A 196 2.18 -12.67 -12.04
CA GLU A 196 1.97 -13.65 -13.11
C GLU A 196 0.49 -13.96 -13.28
N LYS A 197 -0.18 -14.22 -12.17
CA LYS A 197 -1.60 -14.50 -12.16
C LYS A 197 -2.37 -13.40 -12.91
N LEU A 198 -2.11 -12.14 -12.57
CA LEU A 198 -2.86 -11.02 -13.12
C LEU A 198 -2.45 -10.66 -14.58
N GLU A 199 -1.17 -10.86 -14.90
CA GLU A 199 -0.71 -10.79 -16.30
C GLU A 199 -1.53 -11.75 -17.17
N LYS A 200 -1.63 -13.01 -16.76
CA LYS A 200 -2.38 -14.01 -17.52
C LYS A 200 -3.85 -13.66 -17.63
N ARG A 201 -4.39 -13.11 -16.56
CA ARG A 201 -5.81 -12.79 -16.52
C ARG A 201 -6.12 -11.55 -17.35
N ALA A 202 -5.23 -10.56 -17.32
CA ALA A 202 -5.37 -9.39 -18.15
C ALA A 202 -5.29 -9.75 -19.66
N ALA A 203 -4.48 -10.75 -20.00
CA ALA A 203 -4.39 -11.24 -21.38
C ALA A 203 -5.67 -12.01 -21.77
N ALA A 204 -6.21 -12.78 -20.84
CA ALA A 204 -7.46 -13.49 -21.05
C ALA A 204 -8.69 -12.59 -21.27
N ILE A 205 -8.71 -11.39 -20.67
CA ILE A 205 -9.87 -10.49 -20.80
C ILE A 205 -9.42 -9.15 -21.36
N PRO A 206 -9.38 -9.03 -22.70
CA PRO A 206 -8.94 -7.76 -23.26
C PRO A 206 -10.00 -6.70 -23.08
N TRP A 207 -9.58 -5.45 -23.25
CA TRP A 207 -10.42 -4.27 -23.05
C TRP A 207 -11.84 -4.39 -23.58
N SER A 208 -11.99 -4.74 -24.84
CA SER A 208 -13.31 -4.87 -25.46
C SER A 208 -14.27 -5.84 -24.73
N GLN A 209 -13.73 -6.84 -24.04
CA GLN A 209 -14.58 -7.83 -23.37
C GLN A 209 -14.96 -7.41 -21.95
N LYS A 210 -14.29 -6.41 -21.40
CA LYS A 210 -14.54 -6.00 -20.01
C LYS A 210 -15.89 -5.32 -19.91
N ARG A 211 -16.57 -5.51 -18.79
CA ARG A 211 -17.85 -4.85 -18.55
C ARG A 211 -17.64 -3.36 -18.38
N SER A 212 -18.56 -2.55 -18.94
CA SER A 212 -18.46 -1.09 -18.94
C SER A 212 -19.07 -0.48 -17.67
N LEU A 213 -18.61 -0.97 -16.51
CA LEU A 213 -19.16 -0.58 -15.22
C LEU A 213 -18.05 -0.26 -14.23
N GLY A 214 -18.36 0.63 -13.30
CA GLY A 214 -17.45 0.93 -12.20
C GLY A 214 -17.49 -0.24 -11.27
N PHE A 215 -16.32 -0.68 -10.79
CA PHE A 215 -16.27 -1.78 -9.85
C PHE A 215 -15.48 -1.49 -8.59
N PHE A 216 -16.06 -1.87 -7.46
CA PHE A 216 -15.33 -1.88 -6.20
C PHE A 216 -15.94 -2.90 -5.25
N ARG A 217 -15.07 -3.65 -4.58
CA ARG A 217 -15.51 -4.59 -3.56
C ARG A 217 -14.50 -4.52 -2.43
N GLY A 218 -14.97 -4.12 -1.26
CA GLY A 218 -14.07 -3.82 -0.16
C GLY A 218 -14.85 -3.47 1.08
N SER A 219 -14.15 -3.29 2.19
CA SER A 219 -14.78 -3.02 3.47
C SER A 219 -14.72 -1.53 3.76
N ARG A 220 -15.40 -1.09 4.81
CA ARG A 220 -15.61 0.30 5.08
C ARG A 220 -14.56 0.78 6.05
N THR A 221 -13.32 0.80 5.57
CA THR A 221 -12.18 1.21 6.37
C THR A 221 -11.96 2.71 6.27
N SER A 222 -12.73 3.37 5.42
CA SER A 222 -12.77 4.83 5.37
C SER A 222 -14.10 5.28 4.76
N ASP A 223 -14.66 6.36 5.29
CA ASP A 223 -15.97 6.81 4.83
C ASP A 223 -15.92 7.56 3.50
N GLU A 224 -14.72 7.83 2.99
CA GLU A 224 -14.53 8.28 1.61
C GLU A 224 -15.06 7.27 0.59
N ARG A 225 -15.25 6.03 1.03
CA ARG A 225 -15.78 4.98 0.18
C ARG A 225 -17.30 4.98 0.02
N ASP A 226 -18.02 5.73 0.86
CA ASP A 226 -19.49 5.63 0.94
C ASP A 226 -20.25 6.07 -0.32
N SER A 227 -19.87 7.20 -0.90
CA SER A 227 -20.64 7.76 -2.00
C SER A 227 -20.67 6.80 -3.21
N LEU A 228 -19.58 6.07 -3.45
CA LEU A 228 -19.55 5.10 -4.56
C LEU A 228 -20.47 3.92 -4.29
N ILE A 229 -20.55 3.49 -3.03
CA ILE A 229 -21.46 2.38 -2.66
C ILE A 229 -22.90 2.82 -2.82
N LEU A 230 -23.23 3.98 -2.26
CA LEU A 230 -24.60 4.52 -2.37
C LEU A 230 -24.99 4.77 -3.84
N LEU A 231 -24.08 5.31 -4.65
CA LEU A 231 -24.35 5.47 -6.08
C LEU A 231 -24.64 4.12 -6.75
N SER A 232 -23.95 3.07 -6.31
CA SER A 232 -24.17 1.72 -6.87
C SER A 232 -25.56 1.19 -6.53
N ARG A 233 -26.00 1.42 -5.29
CA ARG A 233 -27.35 1.02 -4.86
C ARG A 233 -28.44 1.75 -5.65
N ARG A 234 -28.15 2.97 -6.08
CA ARG A 234 -29.12 3.80 -6.78
C ARG A 234 -29.06 3.56 -8.29
N ASN A 235 -27.88 3.17 -8.80
CA ASN A 235 -27.67 2.97 -10.24
C ASN A 235 -26.69 1.80 -10.49
N PRO A 236 -27.15 0.56 -10.27
CA PRO A 236 -26.33 -0.64 -10.42
C PRO A 236 -25.87 -0.92 -11.85
N GLU A 237 -26.48 -0.28 -12.84
CA GLU A 237 -26.04 -0.44 -14.22
C GLU A 237 -24.85 0.47 -14.54
N LEU A 238 -24.55 1.40 -13.66
CA LEU A 238 -23.38 2.26 -13.82
C LEU A 238 -22.22 1.80 -12.92
N VAL A 239 -22.53 1.44 -11.68
CA VAL A 239 -21.50 1.08 -10.72
C VAL A 239 -21.89 -0.15 -9.91
N GLU A 240 -20.96 -1.08 -9.81
CA GLU A 240 -21.11 -2.28 -9.00
C GLU A 240 -20.14 -2.15 -7.83
N ALA A 241 -20.62 -1.56 -6.73
CA ALA A 241 -19.83 -1.31 -5.53
C ALA A 241 -20.59 -1.73 -4.27
N GLN A 242 -19.99 -2.63 -3.50
CA GLN A 242 -20.60 -3.17 -2.29
C GLN A 242 -19.56 -3.31 -1.18
N TYR A 243 -20.04 -3.19 0.06
CA TYR A 243 -19.21 -3.37 1.22
C TYR A 243 -19.14 -4.81 1.72
N THR A 244 -17.93 -5.29 1.88
CA THR A 244 -17.67 -6.51 2.64
C THR A 244 -17.60 -6.19 4.13
N LYS A 245 -17.56 -7.27 4.90
CA LYS A 245 -17.41 -7.26 6.35
C LYS A 245 -15.91 -7.44 6.65
N ASN A 246 -15.31 -6.62 7.51
CA ASN A 246 -13.94 -6.90 8.00
C ASN A 246 -13.92 -7.34 9.47
N GLN A 247 -12.73 -7.74 9.94
CA GLN A 247 -12.54 -8.26 11.29
C GLN A 247 -12.83 -7.25 12.42
N GLY A 248 -13.02 -5.99 12.08
CA GLY A 248 -13.35 -4.96 13.07
C GLY A 248 -14.82 -4.60 13.09
N TRP A 249 -15.62 -5.34 12.33
CA TRP A 249 -17.06 -5.14 12.27
C TRP A 249 -17.65 -4.98 13.64
N LYS A 250 -18.37 -3.88 13.86
CA LYS A 250 -19.02 -3.62 15.16
C LYS A 250 -20.54 -3.63 15.07
N SER A 251 -21.08 -3.16 13.94
CA SER A 251 -22.54 -3.04 13.77
C SER A 251 -22.86 -2.94 12.28
N PRO A 252 -24.16 -3.00 11.91
CA PRO A 252 -24.47 -2.94 10.48
C PRO A 252 -24.21 -1.58 9.81
N LYS A 253 -24.00 -0.53 10.58
CA LYS A 253 -23.56 0.76 10.03
C LYS A 253 -22.27 0.59 9.21
N ASP A 254 -21.46 -0.39 9.60
CA ASP A 254 -20.20 -0.71 8.92
C ASP A 254 -20.33 -1.30 7.52
N THR A 255 -21.55 -1.58 7.08
CA THR A 255 -21.82 -1.87 5.67
C THR A 255 -22.94 -0.98 5.15
N LEU A 256 -23.15 0.16 5.80
CA LEU A 256 -24.30 1.02 5.55
C LEU A 256 -25.59 0.22 5.45
N ASP A 257 -25.86 -0.55 6.50
CA ASP A 257 -27.10 -1.30 6.68
C ASP A 257 -27.47 -2.32 5.59
N ALA A 258 -26.49 -2.77 4.80
CA ALA A 258 -26.72 -3.80 3.80
C ALA A 258 -26.11 -5.13 4.27
N PRO A 259 -26.62 -6.26 3.77
CA PRO A 259 -25.95 -7.50 4.16
C PRO A 259 -24.53 -7.49 3.59
N ALA A 260 -23.54 -7.93 4.37
CA ALA A 260 -22.15 -7.98 3.90
C ALA A 260 -22.07 -8.67 2.54
N ALA A 261 -21.25 -8.18 1.63
CA ALA A 261 -21.10 -8.86 0.35
C ALA A 261 -19.94 -9.82 0.41
N ASP A 262 -19.96 -10.78 -0.50
CA ASP A 262 -18.86 -11.71 -0.69
C ASP A 262 -17.58 -11.00 -1.13
N GLU A 263 -16.45 -11.61 -0.79
CA GLU A 263 -15.16 -11.21 -1.35
C GLU A 263 -15.13 -11.55 -2.86
N VAL A 264 -14.50 -10.69 -3.65
CA VAL A 264 -14.27 -10.99 -5.07
C VAL A 264 -12.77 -10.99 -5.30
N SER A 265 -12.28 -12.02 -5.97
CA SER A 265 -10.85 -12.24 -6.14
C SER A 265 -10.22 -11.13 -6.94
N PHE A 266 -8.90 -10.97 -6.82
CA PHE A 266 -8.19 -9.97 -7.59
C PHE A 266 -8.37 -10.25 -9.09
N GLU A 267 -8.25 -11.51 -9.49
CA GLU A 267 -8.41 -11.89 -10.90
C GLU A 267 -9.77 -11.48 -11.47
N ASP A 268 -10.81 -11.57 -10.67
CA ASP A 268 -12.16 -11.27 -11.14
C ASP A 268 -12.47 -9.76 -11.22
N HIS A 269 -11.59 -8.93 -10.63
CA HIS A 269 -11.66 -7.49 -10.81
C HIS A 269 -11.43 -7.17 -12.27
N CYS A 270 -10.66 -8.01 -12.94
CA CYS A 270 -10.25 -7.70 -14.29
C CYS A 270 -11.38 -7.79 -15.32
N LYS A 271 -12.53 -8.34 -14.94
CA LYS A 271 -13.69 -8.31 -15.87
C LYS A 271 -14.40 -6.95 -15.99
N TYR A 272 -13.89 -5.92 -15.30
CA TYR A 272 -14.48 -4.57 -15.31
C TYR A 272 -13.51 -3.54 -15.88
N LYS A 273 -14.04 -2.52 -16.54
CA LYS A 273 -13.21 -1.50 -17.19
C LYS A 273 -12.71 -0.44 -16.22
N TYR A 274 -13.53 -0.14 -15.23
CA TYR A 274 -13.32 1.04 -14.39
C TYR A 274 -13.21 0.59 -12.93
N LEU A 275 -11.97 0.51 -12.45
CA LEU A 275 -11.68 -0.02 -11.12
C LEU A 275 -11.35 1.10 -10.16
N PHE A 276 -12.10 1.21 -9.07
CA PHE A 276 -11.86 2.28 -8.07
C PHE A 276 -10.94 1.85 -6.94
N ASN A 277 -10.09 2.80 -6.50
CA ASN A 277 -9.22 2.61 -5.33
C ASN A 277 -9.36 3.77 -4.34
N PHE A 278 -9.42 3.43 -3.05
CA PHE A 278 -9.54 4.40 -1.97
C PHE A 278 -8.55 4.14 -0.86
N ARG A 279 -8.14 5.20 -0.16
CA ARG A 279 -7.44 4.99 1.08
C ARG A 279 -8.30 4.19 2.05
N GLY A 280 -7.64 3.51 2.97
CA GLY A 280 -8.32 2.86 4.06
C GLY A 280 -7.98 3.61 5.32
N VAL A 281 -7.32 2.93 6.26
CA VAL A 281 -6.77 3.60 7.42
C VAL A 281 -5.60 4.44 6.95
N ALA A 282 -4.75 3.86 6.12
CA ALA A 282 -3.72 4.59 5.39
C ALA A 282 -3.90 4.22 3.91
N ALA A 283 -2.82 4.06 3.15
CA ALA A 283 -2.93 3.62 1.75
C ALA A 283 -3.39 2.17 1.72
N SER A 284 -4.03 1.77 0.62
CA SER A 284 -4.50 0.40 0.42
C SER A 284 -3.64 -0.37 -0.55
N PHE A 285 -3.39 -1.63 -0.21
CA PHE A 285 -2.65 -2.55 -1.08
C PHE A 285 -3.48 -2.97 -2.28
N ARG A 286 -4.75 -2.57 -2.30
CA ARG A 286 -5.61 -2.83 -3.44
C ARG A 286 -5.00 -2.25 -4.74
N LEU A 287 -4.51 -1.01 -4.65
CA LEU A 287 -4.22 -0.18 -5.85
C LEU A 287 -3.35 -0.88 -6.88
N LYS A 288 -2.19 -1.36 -6.46
CA LYS A 288 -1.24 -2.00 -7.37
C LYS A 288 -1.86 -3.16 -8.14
N HIS A 289 -2.82 -3.85 -7.52
CA HIS A 289 -3.43 -4.99 -8.15
C HIS A 289 -4.33 -4.58 -9.28
N LEU A 290 -4.91 -3.39 -9.21
CA LEU A 290 -5.87 -2.95 -10.21
C LEU A 290 -5.18 -2.71 -11.56
N PHE A 291 -4.03 -2.07 -11.52
CA PHE A 291 -3.29 -1.74 -12.73
C PHE A 291 -3.04 -2.99 -13.57
N LEU A 292 -2.69 -4.11 -12.92
CA LEU A 292 -2.31 -5.32 -13.63
C LEU A 292 -3.52 -6.02 -14.29
N CYS A 293 -4.73 -5.51 -14.10
CA CYS A 293 -5.88 -5.97 -14.88
C CYS A 293 -5.98 -5.35 -16.28
N LYS A 294 -5.11 -4.39 -16.59
CA LYS A 294 -5.26 -3.53 -17.77
C LYS A 294 -6.64 -2.86 -17.79
N SER A 295 -7.12 -2.49 -16.60
CA SER A 295 -8.37 -1.73 -16.46
C SER A 295 -8.03 -0.28 -16.11
N LEU A 296 -8.96 0.62 -16.35
CA LEU A 296 -8.76 2.03 -16.00
C LEU A 296 -8.94 2.20 -14.49
N VAL A 297 -7.88 2.68 -13.83
CA VAL A 297 -7.89 2.80 -12.38
C VAL A 297 -8.25 4.22 -12.01
N PHE A 298 -9.31 4.36 -11.24
CA PHE A 298 -9.72 5.64 -10.68
C PHE A 298 -9.27 5.69 -9.24
N HIS A 299 -8.23 6.49 -8.97
CA HIS A 299 -7.62 6.59 -7.64
C HIS A 299 -8.13 7.82 -6.94
N VAL A 300 -8.82 7.60 -5.82
CA VAL A 300 -9.44 8.67 -5.06
C VAL A 300 -8.52 9.19 -3.96
N GLY A 301 -8.24 10.49 -3.96
CA GLY A 301 -7.36 11.12 -2.97
C GLY A 301 -5.91 11.13 -3.40
N ASP A 302 -5.17 12.17 -3.02
CA ASP A 302 -3.75 12.30 -3.36
C ASP A 302 -2.87 12.45 -2.11
N GLU A 303 -3.40 12.18 -0.93
CA GLU A 303 -2.64 12.36 0.32
C GLU A 303 -1.83 11.12 0.74
N TRP A 304 -2.52 10.00 0.95
CA TRP A 304 -1.89 8.77 1.45
C TRP A 304 -1.06 8.05 0.41
N GLN A 305 0.20 7.80 0.77
CA GLN A 305 1.23 7.31 -0.15
C GLN A 305 1.78 5.98 0.24
N GLU A 306 2.18 5.21 -0.76
CA GLU A 306 3.23 4.22 -0.57
C GLU A 306 4.43 4.76 -1.34
N PHE A 307 5.57 4.09 -1.22
CA PHE A 307 6.79 4.62 -1.80
C PHE A 307 6.78 4.77 -3.31
N PHE A 308 5.93 4.00 -4.00
CA PHE A 308 5.88 4.03 -5.47
C PHE A 308 4.82 4.96 -6.03
N TYR A 309 4.01 5.57 -5.18
CA TYR A 309 2.87 6.38 -5.66
C TYR A 309 3.34 7.63 -6.36
N ASP A 310 4.48 8.15 -5.90
CA ASP A 310 5.03 9.39 -6.43
C ASP A 310 5.25 9.35 -7.93
N GLN A 311 5.70 8.22 -8.46
CA GLN A 311 5.97 8.08 -9.89
C GLN A 311 4.78 7.60 -10.70
N LEU A 312 3.67 7.29 -10.03
CA LEU A 312 2.39 7.11 -10.72
C LEU A 312 1.86 8.52 -10.91
N LYS A 313 1.68 8.95 -12.16
CA LYS A 313 1.28 10.32 -12.46
C LYS A 313 -0.17 10.40 -12.93
N PRO A 314 -0.98 11.29 -12.31
CA PRO A 314 -2.38 11.43 -12.70
C PRO A 314 -2.55 11.81 -14.17
N TRP A 315 -3.53 11.17 -14.82
CA TRP A 315 -3.84 11.35 -16.24
C TRP A 315 -2.89 10.65 -17.18
N VAL A 316 -1.71 10.26 -16.69
CA VAL A 316 -0.79 9.43 -17.46
C VAL A 316 -1.13 7.98 -17.16
N HIS A 317 -1.07 7.59 -15.88
CA HIS A 317 -1.28 6.19 -15.48
C HIS A 317 -2.62 5.88 -14.91
N TYR A 318 -3.34 6.88 -14.42
CA TYR A 318 -4.64 6.67 -13.77
C TYR A 318 -5.49 7.92 -13.77
N VAL A 319 -6.75 7.80 -13.36
CA VAL A 319 -7.66 8.93 -13.30
C VAL A 319 -7.77 9.39 -11.84
N PRO A 320 -7.31 10.60 -11.54
CA PRO A 320 -7.39 11.09 -10.16
C PRO A 320 -8.77 11.63 -9.87
N LEU A 321 -9.25 11.36 -8.66
CA LEU A 321 -10.40 12.05 -8.11
C LEU A 321 -10.03 12.65 -6.76
N LYS A 322 -10.53 13.84 -6.49
CA LYS A 322 -10.31 14.48 -5.21
C LYS A 322 -11.08 13.69 -4.14
N SER A 323 -10.69 13.85 -2.89
CA SER A 323 -11.29 13.14 -1.75
C SER A 323 -12.76 13.41 -1.66
N TYR A 324 -13.49 12.46 -1.06
CA TYR A 324 -14.92 12.61 -0.88
C TYR A 324 -15.58 13.02 -2.20
N PRO A 325 -15.42 12.18 -3.22
CA PRO A 325 -16.13 12.38 -4.47
C PRO A 325 -17.63 12.37 -4.29
N SER A 326 -18.31 13.19 -5.07
CA SER A 326 -19.77 13.19 -5.09
C SER A 326 -20.29 12.18 -6.09
N GLN A 327 -21.53 11.75 -5.92
CA GLN A 327 -22.19 10.90 -6.89
C GLN A 327 -22.21 11.53 -8.30
N GLN A 328 -22.40 12.83 -8.38
CA GLN A 328 -22.43 13.52 -9.66
C GLN A 328 -21.05 13.53 -10.34
N GLU A 329 -19.99 13.66 -9.54
CA GLU A 329 -18.62 13.59 -10.05
C GLU A 329 -18.39 12.22 -10.70
N TYR A 330 -18.81 11.16 -9.99
CA TYR A 330 -18.67 9.80 -10.49
C TYR A 330 -19.40 9.65 -11.83
N GLU A 331 -20.66 10.06 -11.85
CA GLU A 331 -21.48 10.01 -13.05
C GLU A 331 -20.85 10.75 -14.23
N HIS A 332 -20.31 11.93 -13.98
CA HIS A 332 -19.68 12.71 -15.05
C HIS A 332 -18.44 12.05 -15.57
N ILE A 333 -17.60 11.55 -14.67
CA ILE A 333 -16.30 11.02 -15.09
C ILE A 333 -16.44 9.65 -15.78
N LEU A 334 -17.37 8.82 -15.32
CA LEU A 334 -17.60 7.52 -15.92
C LEU A 334 -18.26 7.71 -17.30
N SER A 335 -19.20 8.64 -17.39
CA SER A 335 -19.82 8.96 -18.68
C SER A 335 -18.77 9.43 -19.70
N PHE A 336 -17.89 10.33 -19.27
CA PHE A 336 -16.85 10.83 -20.16
C PHE A 336 -16.06 9.68 -20.73
N PHE A 337 -15.53 8.81 -19.87
CA PHE A 337 -14.68 7.72 -20.35
C PHE A 337 -15.40 6.66 -21.15
N LYS A 338 -16.66 6.37 -20.81
CA LYS A 338 -17.50 5.51 -21.64
C LYS A 338 -17.66 6.01 -23.08
N LYS A 339 -17.57 7.33 -23.27
CA LYS A 339 -17.68 7.99 -24.58
C LYS A 339 -16.33 8.33 -25.16
N ASN A 340 -15.25 7.98 -24.49
CA ASN A 340 -13.92 8.24 -25.01
C ASN A 340 -13.02 7.04 -24.71
N ASP A 341 -13.52 5.90 -25.17
CA ASP A 341 -12.99 4.57 -24.94
C ASP A 341 -11.51 4.39 -25.34
N ALA A 342 -11.09 4.94 -26.47
CA ALA A 342 -9.67 4.84 -26.86
C ALA A 342 -8.78 5.47 -25.78
N LEU A 343 -9.15 6.70 -25.42
CA LEU A 343 -8.50 7.45 -24.33
C LEU A 343 -8.43 6.61 -23.04
N ALA A 344 -9.57 6.05 -22.64
CA ALA A 344 -9.64 5.20 -21.46
C ALA A 344 -8.59 4.07 -21.53
N GLN A 345 -8.57 3.37 -22.65
CA GLN A 345 -7.65 2.24 -22.88
C GLN A 345 -6.18 2.65 -22.85
N GLU A 346 -5.85 3.81 -23.45
CA GLU A 346 -4.46 4.31 -23.46
C GLU A 346 -3.91 4.55 -22.04
N ILE A 347 -4.74 5.08 -21.16
CA ILE A 347 -4.32 5.39 -19.79
C ILE A 347 -4.17 4.06 -19.05
N ALA A 348 -5.17 3.21 -19.23
CA ALA A 348 -5.14 1.86 -18.66
C ALA A 348 -3.88 1.11 -19.07
N GLN A 349 -3.49 1.21 -20.34
CA GLN A 349 -2.33 0.51 -20.83
C GLN A 349 -1.06 1.08 -20.22
N ARG A 350 -0.96 2.40 -20.14
CA ARG A 350 0.20 3.02 -19.51
C ARG A 350 0.31 2.66 -18.02
N GLY A 351 -0.83 2.61 -17.33
CA GLY A 351 -0.88 2.22 -15.93
C GLY A 351 -0.30 0.84 -15.76
N TYR A 352 -0.84 -0.08 -16.54
CA TYR A 352 -0.37 -1.45 -16.57
C TYR A 352 1.11 -1.52 -16.85
N ASP A 353 1.56 -0.79 -17.86
CA ASP A 353 2.97 -0.84 -18.24
C ASP A 353 3.85 -0.35 -17.10
N PHE A 354 3.43 0.71 -16.42
CA PHE A 354 4.25 1.25 -15.35
C PHE A 354 4.48 0.24 -14.22
N ILE A 355 3.42 -0.43 -13.79
CA ILE A 355 3.52 -1.35 -12.68
C ILE A 355 4.26 -2.64 -13.11
N TRP A 356 4.01 -3.08 -14.34
CA TRP A 356 4.69 -4.24 -14.87
C TRP A 356 6.19 -4.05 -14.91
N GLU A 357 6.62 -2.87 -15.33
CA GLU A 357 8.04 -2.59 -15.51
C GLU A 357 8.71 -1.97 -14.29
N HIS A 358 7.98 -1.20 -13.48
CA HIS A 358 8.61 -0.46 -12.38
C HIS A 358 8.17 -0.81 -10.98
N LEU A 359 7.31 -1.82 -10.83
CA LEU A 359 7.05 -2.44 -9.52
C LEU A 359 7.30 -3.94 -9.60
N ARG A 360 8.42 -4.32 -10.20
CA ARG A 360 8.88 -5.70 -10.16
C ARG A 360 9.36 -6.03 -8.75
N MET A 361 9.55 -7.30 -8.44
CA MET A 361 10.21 -7.68 -7.21
C MET A 361 11.59 -7.03 -7.10
N LYS A 362 12.32 -7.01 -8.21
CA LYS A 362 13.66 -6.42 -8.26
C LYS A 362 13.63 -4.94 -7.85
N ASP A 363 12.56 -4.24 -8.20
CA ASP A 363 12.39 -2.85 -7.81
C ASP A 363 12.16 -2.71 -6.31
N ILE A 364 11.43 -3.67 -5.74
CA ILE A 364 11.17 -3.70 -4.30
C ILE A 364 12.45 -3.97 -3.56
N LYS A 365 13.17 -4.99 -4.00
CA LYS A 365 14.45 -5.36 -3.40
C LYS A 365 15.47 -4.23 -3.49
N CYS A 366 15.63 -3.65 -4.68
CA CYS A 366 16.65 -2.63 -4.86
C CYS A 366 16.29 -1.33 -4.16
N TYR A 367 15.01 -1.04 -3.99
CA TYR A 367 14.62 0.16 -3.22
C TYR A 367 15.05 0.00 -1.75
N TRP A 368 14.68 -1.12 -1.15
CA TRP A 368 15.13 -1.45 0.21
C TRP A 368 16.62 -1.26 0.39
N ARG A 369 17.39 -1.80 -0.55
CA ARG A 369 18.85 -1.77 -0.49
C ARG A 369 19.33 -0.33 -0.58
N LYS A 370 18.86 0.39 -1.57
CA LYS A 370 19.29 1.76 -1.75
C LYS A 370 18.90 2.61 -0.54
N LEU A 371 17.72 2.34 0.03
CA LEU A 371 17.24 3.08 1.20
C LEU A 371 18.18 2.86 2.40
N LEU A 372 18.43 1.60 2.73
CA LEU A 372 19.29 1.29 3.87
C LEU A 372 20.75 1.76 3.67
N LYS A 373 21.27 1.66 2.44
CA LYS A 373 22.60 2.18 2.13
C LYS A 373 22.72 3.70 2.35
N ARG A 374 21.68 4.45 1.97
CA ARG A 374 21.73 5.90 2.13
C ARG A 374 21.47 6.31 3.59
N TYR A 375 20.53 5.61 4.24
CA TYR A 375 20.23 5.82 5.65
C TYR A 375 21.45 5.67 6.55
N VAL A 376 22.24 4.62 6.34
CA VAL A 376 23.36 4.30 7.22
C VAL A 376 24.38 5.44 7.27
N LYS A 377 24.63 6.08 6.12
CA LYS A 377 25.51 7.26 6.04
C LYS A 377 25.08 8.40 6.98
N LEU A 378 23.80 8.46 7.35
CA LEU A 378 23.29 9.47 8.27
C LEU A 378 23.66 9.21 9.73
N LEU A 379 23.97 7.94 10.05
CA LEU A 379 24.26 7.58 11.43
C LEU A 379 25.55 8.26 11.91
N GLN A 380 25.49 8.84 13.11
CA GLN A 380 26.60 9.60 13.70
C GLN A 380 27.02 8.96 15.01
N TYR A 381 26.95 7.63 15.08
CA TYR A 381 27.24 6.92 16.32
C TYR A 381 27.67 5.48 16.00
N GLU A 382 28.25 4.81 16.98
CA GLU A 382 28.69 3.43 16.78
C GLU A 382 27.59 2.49 17.25
N VAL A 383 27.13 1.61 16.35
CA VAL A 383 26.11 0.62 16.69
C VAL A 383 26.74 -0.43 17.61
N LYS A 384 26.13 -0.68 18.77
CA LYS A 384 26.64 -1.66 19.71
C LYS A 384 25.63 -2.78 19.87
N PRO A 385 26.09 -4.01 20.21
CA PRO A 385 25.09 -5.06 20.44
C PRO A 385 24.12 -4.72 21.56
N GLU A 386 22.96 -5.37 21.54
CA GLU A 386 22.00 -5.28 22.63
C GLU A 386 21.49 -6.69 22.87
N ASP A 387 21.76 -7.24 24.05
CA ASP A 387 21.59 -8.68 24.28
C ASP A 387 20.15 -9.11 24.50
N GLN A 388 19.27 -8.16 24.82
CA GLN A 388 17.83 -8.45 24.93
C GLN A 388 17.18 -8.76 23.58
N LEU A 389 17.77 -8.27 22.49
CA LEU A 389 17.26 -8.56 21.15
C LEU A 389 17.46 -10.04 20.84
N ILE A 390 16.64 -10.57 19.93
CA ILE A 390 16.77 -11.97 19.49
C ILE A 390 17.40 -12.04 18.10
N TYR A 391 18.01 -13.18 17.79
CA TYR A 391 18.65 -13.37 16.51
C TYR A 391 17.61 -13.83 15.50
N ILE A 392 17.52 -13.11 14.38
CA ILE A 392 16.60 -13.49 13.30
C ILE A 392 17.32 -14.29 12.19
N GLY A 393 18.49 -13.82 11.75
CA GLY A 393 19.21 -14.55 10.69
C GLY A 393 20.40 -13.84 10.05
N PRO A 394 20.97 -14.43 8.98
CA PRO A 394 20.57 -15.69 8.33
C PRO A 394 21.40 -16.88 8.77
N GLY B 6 -9.62 1.62 19.67
CA GLY B 6 -8.65 1.05 18.69
C GLY B 6 -9.33 0.58 17.40
N ASP B 7 -8.64 0.72 16.28
CA ASP B 7 -9.18 0.32 14.98
C ASP B 7 -8.21 -0.59 14.19
N GLN B 8 -7.42 -1.40 14.89
CA GLN B 8 -6.44 -2.24 14.21
C GLN B 8 -7.02 -3.50 13.57
N CYS B 9 -8.16 -3.97 14.06
CA CYS B 9 -8.82 -5.13 13.48
C CYS B 9 -9.37 -4.89 12.08
N GLU B 10 -9.57 -3.62 11.73
CA GLU B 10 -10.11 -3.25 10.43
C GLU B 10 -9.30 -3.82 9.27
N SER B 11 -8.00 -3.92 9.50
CA SER B 11 -7.07 -4.38 8.50
C SER B 11 -6.85 -5.87 8.55
N ASN B 12 -7.73 -6.59 9.24
CA ASN B 12 -7.74 -8.03 9.26
C ASN B 12 -6.39 -8.69 9.63
N PRO B 13 -5.90 -8.42 10.84
CA PRO B 13 -4.60 -8.96 11.27
C PRO B 13 -4.57 -10.43 11.70
N CYS B 14 -5.73 -11.08 11.82
CA CYS B 14 -5.77 -12.47 12.27
C CYS B 14 -5.92 -13.39 11.07
N LEU B 15 -4.97 -14.30 10.92
CA LEU B 15 -4.93 -15.21 9.80
C LEU B 15 -5.72 -16.48 10.09
N ASN B 16 -5.94 -17.24 9.04
CA ASN B 16 -6.47 -18.62 9.11
C ASN B 16 -7.83 -18.76 9.82
N GLY B 17 -8.71 -17.78 9.65
CA GLY B 17 -10.06 -17.84 10.21
C GLY B 17 -10.19 -17.22 11.59
N GLY B 18 -9.13 -16.61 12.10
CA GLY B 18 -9.18 -15.99 13.40
C GLY B 18 -10.11 -14.79 13.45
N SER B 19 -10.59 -14.46 14.65
CA SER B 19 -11.36 -13.24 14.86
C SER B 19 -10.58 -12.30 15.78
N CYS B 20 -10.92 -11.03 15.69
CA CYS B 20 -10.09 -9.95 16.22
C CYS B 20 -10.91 -9.13 17.20
N LYS B 21 -10.28 -8.71 18.29
CA LYS B 21 -10.86 -7.70 19.18
C LYS B 21 -9.86 -6.55 19.38
N ASP B 22 -10.36 -5.32 19.30
CA ASP B 22 -9.55 -4.12 19.49
C ASP B 22 -9.55 -3.76 20.94
N ASP B 23 -8.35 -3.65 21.54
CA ASP B 23 -8.20 -3.03 22.86
C ASP B 23 -8.10 -1.51 22.62
N ILE B 24 -7.44 -0.78 23.51
CA ILE B 24 -7.14 0.64 23.26
C ILE B 24 -5.71 0.77 22.74
N ASN B 25 -4.79 0.02 23.35
CA ASN B 25 -3.39 -0.01 22.92
C ASN B 25 -3.19 -0.84 21.68
N SER B 26 -3.66 -2.09 21.74
CA SER B 26 -3.34 -3.09 20.75
C SER B 26 -4.61 -3.88 20.36
N TYR B 27 -4.39 -4.99 19.67
CA TYR B 27 -5.44 -5.87 19.22
C TYR B 27 -5.16 -7.24 19.80
N GLU B 28 -6.14 -8.13 19.72
CA GLU B 28 -5.92 -9.51 20.11
C GLU B 28 -6.68 -10.46 19.20
N CYS B 29 -6.03 -11.55 18.80
CA CYS B 29 -6.67 -12.55 17.96
C CYS B 29 -7.22 -13.72 18.77
N TRP B 30 -8.35 -14.24 18.30
CA TRP B 30 -8.92 -15.50 18.76
C TRP B 30 -8.68 -16.47 17.65
N CYS B 31 -8.01 -17.58 17.92
CA CYS B 31 -7.58 -18.51 16.85
C CYS B 31 -8.34 -19.82 16.92
N PRO B 32 -8.80 -20.32 15.76
CA PRO B 32 -9.47 -21.60 15.77
C PRO B 32 -8.52 -22.74 16.11
N PHE B 33 -9.09 -23.85 16.55
CA PHE B 33 -8.32 -25.01 16.92
C PHE B 33 -7.52 -25.45 15.71
N GLY B 34 -6.21 -25.64 15.89
CA GLY B 34 -5.31 -25.98 14.78
C GLY B 34 -4.27 -24.90 14.48
N PHE B 35 -4.51 -23.70 14.99
CA PHE B 35 -3.66 -22.53 14.74
C PHE B 35 -3.37 -21.80 16.02
N GLU B 36 -2.21 -21.19 16.09
CA GLU B 36 -1.85 -20.40 17.26
C GLU B 36 -0.90 -19.28 16.87
N GLY B 37 -0.41 -18.54 17.86
CA GLY B 37 0.37 -17.33 17.64
C GLY B 37 -0.46 -16.09 17.84
N LYS B 38 0.21 -14.96 17.95
CA LYS B 38 -0.43 -13.65 18.03
C LYS B 38 -1.38 -13.36 16.84
N ASN B 39 -1.07 -13.89 15.66
CA ASN B 39 -1.88 -13.69 14.45
C ASN B 39 -2.47 -15.02 13.91
N CYS B 40 -2.48 -16.06 14.73
CA CYS B 40 -2.90 -17.38 14.26
C CYS B 40 -2.08 -17.86 13.04
N GLU B 41 -0.81 -17.45 12.99
CA GLU B 41 0.09 -17.79 11.88
C GLU B 41 0.80 -19.13 12.04
N LEU B 42 0.77 -19.72 13.23
CA LEU B 42 1.52 -20.95 13.51
C LEU B 42 0.59 -22.15 13.59
N LEU B 43 1.02 -23.28 13.06
CA LEU B 43 0.26 -24.53 13.23
C LEU B 43 0.37 -25.03 14.67
N GLU B 44 -0.74 -25.51 15.23
CA GLU B 44 -0.85 -25.81 16.67
C GLU B 44 -0.09 -27.08 17.01
#